data_7RDK
#
_entry.id   7RDK
#
_cell.length_a   42.211
_cell.length_b   115.230
_cell.length_c   44.104
_cell.angle_alpha   90.000
_cell.angle_beta   99.085
_cell.angle_gamma   90.000
#
_symmetry.space_group_name_H-M   'P 1 21 1'
#
loop_
_entity.id
_entity.type
_entity.pdbx_description
1 polymer 'PCDN-16B Fab light chain'
2 polymer 'PCDN-16B Fab heavy chain'
3 non-polymer GLYCEROL
4 non-polymer 1,2-ETHANEDIOL
5 non-polymer CYSTEINE
6 non-polymer 'SULFATE ION'
7 water water
#
loop_
_entity_poly.entity_id
_entity_poly.type
_entity_poly.pdbx_seq_one_letter_code
_entity_poly.pdbx_strand_id
1 'polypeptide(L)'
;VHEIVLTQSPGTLSLSPGERATVSCRASQSVSASNLAWYQQKPGQAPRLLIYGVSSRPTGIPDRFSGSGSGTDFTLTVSR
LEPEDFAVYYCQQYGSSPTFGQGTKVEIKRTVAAPSVFIFPPSDEQLKSGTASVVCLLNNFYPREAKVQWKVDNALQSGN
SQESVTEQDSKDSTYSLSSTLTLSKADYEKHKVYACEVTHQGLSSPVTKSFNRGEC
;
A
2 'polypeptide(L)'
;QVQLQQWGAGLLKPSETLSLTCAVYGGSLSGNFWSWIRQPPGKGLEWIGEINHSGETNHNPSLKRRVTLSVDTSKNQFSL
KLSSVTAADTAVYYCARGGPKVYYEYWSGYVNNCFDPWGQGTLVTVSSASTKGPSVFPLAPSSKSTSGGTAALGCLVKDY
FPEPVTVSWNSGALTSGVHTFPAVLQSSGLYSLSSVVTVPSSSLGTQTYICNVNHKPSNTKVDKRVEPKSCD
;
B
#
# COMPACT_ATOMS: atom_id res chain seq x y z
N HIS A 2 -19.05 -16.46 16.49
CA HIS A 2 -18.06 -16.97 15.54
C HIS A 2 -17.93 -16.04 14.35
N GLU A 3 -16.70 -15.63 14.05
CA GLU A 3 -16.47 -14.70 12.95
C GLU A 3 -16.66 -15.39 11.60
N ILE A 4 -17.11 -14.63 10.62
CA ILE A 4 -17.34 -15.13 9.27
C ILE A 4 -16.17 -14.67 8.41
N VAL A 5 -15.35 -15.62 7.96
CA VAL A 5 -14.20 -15.33 7.12
C VAL A 5 -14.65 -15.25 5.67
N LEU A 6 -14.25 -14.19 4.99
CA LEU A 6 -14.60 -13.97 3.59
C LEU A 6 -13.36 -14.15 2.73
N THR A 7 -13.48 -14.95 1.67
CA THR A 7 -12.39 -15.19 0.72
C THR A 7 -12.88 -14.78 -0.66
N GLN A 8 -12.14 -13.89 -1.30
CA GLN A 8 -12.49 -13.39 -2.63
C GLN A 8 -11.67 -14.10 -3.70
N SER A 9 -12.22 -14.10 -4.91
CA SER A 9 -11.62 -14.80 -6.04
C SER A 9 -11.85 -14.00 -7.32
N PRO A 10 -10.80 -13.79 -8.14
CA PRO A 10 -9.45 -14.23 -7.80
C PRO A 10 -8.73 -13.19 -6.94
N GLY A 11 -7.46 -13.42 -6.63
CA GLY A 11 -6.69 -12.40 -5.95
C GLY A 11 -6.50 -11.17 -6.81
N THR A 12 -6.05 -11.36 -8.05
CA THR A 12 -5.89 -10.28 -9.02
C THR A 12 -6.63 -10.65 -10.29
N LEU A 13 -7.37 -9.68 -10.83
CA LEU A 13 -8.15 -9.89 -12.05
C LEU A 13 -7.59 -8.97 -13.14
N SER A 14 -6.92 -9.56 -14.13
CA SER A 14 -6.31 -8.80 -15.21
C SER A 14 -7.22 -8.87 -16.43
N LEU A 15 -7.89 -7.75 -16.73
CA LEU A 15 -8.81 -7.66 -17.84
C LEU A 15 -8.54 -6.39 -18.63
N SER A 16 -9.13 -6.31 -19.83
CA SER A 16 -9.01 -5.17 -20.71
C SER A 16 -10.19 -4.23 -20.53
N PRO A 17 -10.00 -2.93 -20.81
CA PRO A 17 -11.12 -1.98 -20.68
C PRO A 17 -12.26 -2.35 -21.61
N GLY A 18 -13.46 -2.44 -21.06
CA GLY A 18 -14.64 -2.83 -21.79
C GLY A 18 -15.09 -4.26 -21.58
N GLU A 19 -14.25 -5.09 -20.97
CA GLU A 19 -14.61 -6.47 -20.69
C GLU A 19 -15.47 -6.55 -19.43
N ARG A 20 -15.93 -7.76 -19.13
CA ARG A 20 -16.78 -8.02 -17.97
C ARG A 20 -15.93 -8.54 -16.83
N ALA A 21 -16.08 -7.92 -15.66
CA ALA A 21 -15.35 -8.30 -14.46
C ALA A 21 -16.26 -9.04 -13.51
N THR A 22 -15.79 -10.17 -12.98
CA THR A 22 -16.57 -11.02 -12.08
C THR A 22 -15.72 -11.34 -10.87
N VAL A 23 -16.12 -10.85 -9.70
CA VAL A 23 -15.39 -11.08 -8.45
C VAL A 23 -16.28 -11.91 -7.54
N SER A 24 -15.82 -13.10 -7.19
CA SER A 24 -16.55 -13.99 -6.30
C SER A 24 -16.14 -13.76 -4.86
N CYS A 25 -17.09 -13.99 -3.95
CA CYS A 25 -16.88 -13.78 -2.52
C CYS A 25 -17.54 -14.94 -1.79
N ARG A 26 -16.74 -15.82 -1.21
CA ARG A 26 -17.24 -16.97 -0.47
C ARG A 26 -17.07 -16.74 1.03
N ALA A 27 -17.98 -17.32 1.79
CA ALA A 27 -18.01 -17.16 3.25
C ALA A 27 -17.91 -18.51 3.93
N SER A 28 -17.23 -18.52 5.09
CA SER A 28 -17.12 -19.74 5.87
C SER A 28 -18.45 -20.13 6.51
N GLN A 29 -19.35 -19.18 6.70
CA GLN A 29 -20.68 -19.44 7.23
C GLN A 29 -21.72 -18.72 6.39
N SER A 30 -22.97 -19.15 6.51
CA SER A 30 -24.05 -18.53 5.77
C SER A 30 -24.27 -17.09 6.23
N VAL A 31 -24.49 -16.20 5.28
CA VAL A 31 -24.79 -14.80 5.55
C VAL A 31 -26.30 -14.63 5.57
N SER A 32 -26.84 -14.17 6.69
CA SER A 32 -28.28 -14.10 6.86
C SER A 32 -28.90 -13.12 5.87
N ALA A 33 -30.05 -13.50 5.32
CA ALA A 33 -30.82 -12.68 4.40
C ALA A 33 -29.95 -12.21 3.23
N SER A 34 -29.70 -10.90 3.18
CA SER A 34 -28.84 -10.30 2.16
C SER A 34 -27.93 -9.28 2.83
N ASN A 35 -27.21 -9.71 3.85
CA ASN A 35 -26.36 -8.82 4.64
C ASN A 35 -24.92 -8.82 4.11
N LEU A 36 -24.77 -8.38 2.86
CA LEU A 36 -23.47 -8.32 2.22
C LEU A 36 -23.37 -7.06 1.37
N ALA A 37 -22.18 -6.45 1.35
CA ALA A 37 -21.93 -5.24 0.62
C ALA A 37 -20.60 -5.35 -0.12
N TRP A 38 -20.45 -4.53 -1.16
CA TRP A 38 -19.23 -4.44 -1.95
C TRP A 38 -18.73 -3.00 -1.93
N TYR A 39 -17.42 -2.84 -1.74
CA TYR A 39 -16.75 -1.55 -1.72
C TYR A 39 -15.68 -1.50 -2.80
N GLN A 40 -15.49 -0.31 -3.36
CA GLN A 40 -14.43 -0.04 -4.31
C GLN A 40 -13.44 0.95 -3.70
N GLN A 41 -12.15 0.70 -3.92
CA GLN A 41 -11.10 1.56 -3.42
C GLN A 41 -10.07 1.79 -4.52
N LYS A 42 -9.81 3.04 -4.84
CA LYS A 42 -8.76 3.46 -5.73
C LYS A 42 -7.50 3.80 -4.93
N PRO A 43 -6.32 3.72 -5.54
CA PRO A 43 -5.08 3.97 -4.78
C PRO A 43 -5.06 5.38 -4.21
N GLY A 44 -4.74 5.46 -2.92
CA GLY A 44 -4.69 6.74 -2.23
C GLY A 44 -6.02 7.30 -1.81
N GLN A 45 -7.11 6.56 -2.00
CA GLN A 45 -8.45 7.02 -1.65
C GLN A 45 -9.09 6.09 -0.63
N ALA A 46 -10.11 6.60 0.03
CA ALA A 46 -10.90 5.80 0.97
C ALA A 46 -11.83 4.87 0.20
N PRO A 47 -12.17 3.72 0.79
CA PRO A 47 -13.12 2.82 0.13
C PRO A 47 -14.48 3.47 -0.05
N ARG A 48 -15.08 3.26 -1.22
CA ARG A 48 -16.39 3.79 -1.56
C ARG A 48 -17.41 2.66 -1.56
N LEU A 49 -18.55 2.89 -0.92
CA LEU A 49 -19.62 1.90 -0.94
C LEU A 49 -20.12 1.71 -2.37
N LEU A 50 -19.84 0.55 -2.96
CA LEU A 50 -20.22 0.27 -4.33
C LEU A 50 -21.61 -0.36 -4.42
N ILE A 51 -21.94 -1.24 -3.48
CA ILE A 51 -23.22 -1.95 -3.48
C ILE A 51 -23.55 -2.34 -2.05
N TYR A 52 -24.82 -2.20 -1.66
CA TYR A 52 -25.28 -2.63 -0.35
C TYR A 52 -26.41 -3.63 -0.51
N GLY A 53 -26.62 -4.43 0.53
CA GLY A 53 -27.68 -5.44 0.50
C GLY A 53 -27.57 -6.44 -0.63
N VAL A 54 -26.35 -6.91 -0.91
CA VAL A 54 -26.07 -7.92 -1.94
C VAL A 54 -26.33 -7.36 -3.34
N SER A 55 -27.55 -6.90 -3.60
CA SER A 55 -27.94 -6.45 -4.93
C SER A 55 -28.31 -4.99 -5.04
N SER A 56 -28.63 -4.31 -3.94
CA SER A 56 -29.03 -2.92 -4.01
C SER A 56 -27.82 -2.04 -4.35
N ARG A 57 -28.11 -0.89 -4.93
CA ARG A 57 -27.09 0.00 -5.49
C ARG A 57 -27.26 1.39 -4.89
N PRO A 58 -26.23 1.96 -4.27
CA PRO A 58 -26.33 3.31 -3.72
C PRO A 58 -26.54 4.35 -4.81
N THR A 59 -26.96 5.54 -4.39
CA THR A 59 -27.20 6.63 -5.31
C THR A 59 -25.89 7.10 -5.93
N GLY A 60 -25.86 7.20 -7.26
CA GLY A 60 -24.72 7.65 -8.00
C GLY A 60 -23.89 6.55 -8.63
N ILE A 61 -23.95 5.34 -8.08
CA ILE A 61 -23.18 4.22 -8.64
C ILE A 61 -23.75 3.86 -10.01
N PRO A 62 -22.92 3.74 -11.05
CA PRO A 62 -23.43 3.47 -12.39
C PRO A 62 -24.11 2.11 -12.47
N ASP A 63 -24.88 1.93 -13.56
CA ASP A 63 -25.61 0.69 -13.77
C ASP A 63 -24.70 -0.49 -14.07
N ARG A 64 -23.45 -0.24 -14.47
CA ARG A 64 -22.56 -1.33 -14.85
C ARG A 64 -22.18 -2.21 -13.66
N PHE A 65 -22.38 -1.74 -12.43
CA PHE A 65 -22.07 -2.50 -11.24
C PHE A 65 -23.33 -3.20 -10.75
N SER A 66 -23.25 -4.52 -10.61
CA SER A 66 -24.37 -5.32 -10.11
C SER A 66 -23.85 -6.33 -9.11
N GLY A 67 -24.76 -6.81 -8.27
CA GLY A 67 -24.39 -7.79 -7.26
C GLY A 67 -25.41 -8.88 -7.11
N SER A 68 -24.96 -10.12 -7.04
CA SER A 68 -25.84 -11.28 -6.89
C SER A 68 -25.27 -12.22 -5.84
N GLY A 69 -26.03 -13.26 -5.53
CA GLY A 69 -25.59 -14.31 -4.64
C GLY A 69 -26.46 -14.44 -3.41
N SER A 70 -26.14 -15.46 -2.62
CA SER A 70 -26.87 -15.77 -1.40
C SER A 70 -26.05 -16.76 -0.59
N GLY A 71 -26.53 -17.06 0.63
CA GLY A 71 -25.91 -18.03 1.50
C GLY A 71 -24.43 -17.78 1.76
N THR A 72 -23.58 -18.51 1.04
CA THR A 72 -22.14 -18.38 1.20
C THR A 72 -21.43 -17.91 -0.07
N ASP A 73 -22.13 -17.79 -1.20
CA ASP A 73 -21.52 -17.40 -2.46
C ASP A 73 -22.16 -16.11 -2.95
N PHE A 74 -21.35 -15.09 -3.15
CA PHE A 74 -21.82 -13.81 -3.68
C PHE A 74 -20.89 -13.38 -4.80
N THR A 75 -21.36 -12.45 -5.62
CA THR A 75 -20.62 -12.06 -6.81
C THR A 75 -20.88 -10.60 -7.16
N LEU A 76 -19.79 -9.86 -7.35
CA LEU A 76 -19.82 -8.51 -7.90
C LEU A 76 -19.51 -8.58 -9.39
N THR A 77 -20.27 -7.84 -10.19
CA THR A 77 -20.14 -7.90 -11.64
C THR A 77 -20.06 -6.48 -12.20
N VAL A 78 -19.05 -6.26 -13.04
CA VAL A 78 -18.91 -5.03 -13.81
C VAL A 78 -19.13 -5.40 -15.27
N SER A 79 -20.28 -5.01 -15.82
CA SER A 79 -20.66 -5.43 -17.16
C SER A 79 -19.66 -4.95 -18.20
N ARG A 80 -19.32 -3.67 -18.16
CA ARG A 80 -18.37 -3.08 -19.10
C ARG A 80 -17.34 -2.30 -18.30
N LEU A 81 -16.11 -2.81 -18.25
CA LEU A 81 -15.06 -2.20 -17.45
C LEU A 81 -14.67 -0.85 -18.05
N GLU A 82 -14.94 0.22 -17.31
CA GLU A 82 -14.44 1.54 -17.66
C GLU A 82 -13.02 1.71 -17.12
N PRO A 83 -12.26 2.66 -17.67
CA PRO A 83 -10.89 2.87 -17.14
C PRO A 83 -10.87 3.22 -15.66
N GLU A 84 -11.88 3.92 -15.16
CA GLU A 84 -11.94 4.28 -13.75
C GLU A 84 -12.29 3.11 -12.85
N ASP A 85 -12.67 1.96 -13.41
CA ASP A 85 -13.05 0.80 -12.62
C ASP A 85 -11.89 -0.05 -12.17
N PHE A 86 -10.70 0.12 -12.76
CA PHE A 86 -9.55 -0.69 -12.40
C PHE A 86 -9.03 -0.26 -11.03
N ALA A 87 -9.25 -1.10 -10.03
CA ALA A 87 -9.01 -0.74 -8.63
C ALA A 87 -9.21 -1.95 -7.73
N VAL A 88 -9.26 -1.78 -6.42
CA VAL A 88 -9.46 -2.90 -5.50
C VAL A 88 -10.93 -2.94 -5.11
N TYR A 89 -11.45 -4.15 -4.93
CA TYR A 89 -12.84 -4.36 -4.57
C TYR A 89 -12.89 -5.32 -3.40
N TYR A 90 -13.65 -4.96 -2.36
CA TYR A 90 -13.81 -5.77 -1.16
C TYR A 90 -15.26 -6.16 -0.98
N CYS A 91 -15.48 -7.31 -0.37
CA CYS A 91 -16.81 -7.72 0.07
C CYS A 91 -16.83 -7.78 1.60
N GLN A 92 -17.95 -7.35 2.17
CA GLN A 92 -18.10 -7.30 3.62
C GLN A 92 -19.46 -7.84 4.02
N GLN A 93 -19.47 -8.79 4.95
CA GLN A 93 -20.73 -9.27 5.51
C GLN A 93 -21.07 -8.47 6.76
N TYR A 94 -22.36 -8.27 6.98
CA TYR A 94 -22.84 -7.68 8.22
C TYR A 94 -24.01 -8.48 8.79
N GLY A 95 -24.01 -9.79 8.59
CA GLY A 95 -24.92 -10.66 9.30
C GLY A 95 -24.50 -10.89 10.73
N SER A 96 -23.20 -10.94 10.98
CA SER A 96 -22.66 -10.96 12.35
C SER A 96 -21.70 -9.80 12.52
N SER A 97 -20.56 -10.05 13.16
CA SER A 97 -19.54 -9.01 13.28
C SER A 97 -18.99 -8.68 11.90
N PRO A 98 -18.84 -7.40 11.55
CA PRO A 98 -18.38 -7.05 10.20
C PRO A 98 -16.97 -7.55 9.92
N THR A 99 -16.83 -8.31 8.84
CA THR A 99 -15.55 -8.78 8.36
C THR A 99 -15.46 -8.52 6.86
N PHE A 100 -14.23 -8.35 6.37
CA PHE A 100 -13.97 -8.06 4.97
C PHE A 100 -13.27 -9.23 4.30
N GLY A 101 -13.46 -9.34 2.98
CA GLY A 101 -12.61 -10.19 2.20
C GLY A 101 -11.24 -9.57 1.98
N GLN A 102 -10.29 -10.41 1.57
CA GLN A 102 -8.92 -9.94 1.43
C GLN A 102 -8.79 -8.88 0.34
N GLY A 103 -9.72 -8.81 -0.58
CA GLY A 103 -9.67 -7.81 -1.64
C GLY A 103 -9.28 -8.41 -2.96
N THR A 104 -9.79 -7.81 -4.04
CA THR A 104 -9.51 -8.26 -5.41
C THR A 104 -9.09 -7.07 -6.24
N LYS A 105 -7.92 -7.16 -6.86
CA LYS A 105 -7.38 -6.08 -7.68
C LYS A 105 -7.75 -6.29 -9.14
N VAL A 106 -8.34 -5.28 -9.76
CA VAL A 106 -8.67 -5.28 -11.18
C VAL A 106 -7.70 -4.31 -11.85
N GLU A 107 -6.80 -4.85 -12.68
CA GLU A 107 -5.75 -4.11 -13.35
C GLU A 107 -5.86 -4.28 -14.86
N ILE A 108 -5.07 -3.48 -15.58
CA ILE A 108 -5.05 -3.56 -17.04
C ILE A 108 -4.34 -4.83 -17.47
N LYS A 109 -4.91 -5.49 -18.48
CA LYS A 109 -4.30 -6.68 -19.08
C LYS A 109 -3.49 -6.25 -20.30
N ARG A 110 -2.24 -6.72 -20.37
CA ARG A 110 -1.37 -6.37 -21.48
C ARG A 110 -0.44 -7.55 -21.76
N THR A 111 0.40 -7.38 -22.78
CA THR A 111 1.35 -8.42 -23.17
C THR A 111 2.38 -8.65 -22.07
N VAL A 112 2.86 -9.88 -21.98
CA VAL A 112 3.89 -10.23 -20.99
C VAL A 112 5.16 -9.48 -21.33
N ALA A 113 5.69 -8.74 -20.35
CA ALA A 113 6.90 -7.94 -20.53
C ALA A 113 7.93 -8.38 -19.51
N ALA A 114 9.13 -8.76 -19.99
CA ALA A 114 10.19 -9.18 -19.09
C ALA A 114 10.84 -7.95 -18.45
N PRO A 115 11.29 -8.05 -17.19
CA PRO A 115 11.88 -6.88 -16.54
C PRO A 115 13.29 -6.62 -17.05
N SER A 116 13.65 -5.34 -17.13
CA SER A 116 15.03 -4.94 -17.37
C SER A 116 15.72 -4.85 -16.03
N VAL A 117 16.72 -5.71 -15.82
CA VAL A 117 17.33 -5.87 -14.50
C VAL A 117 18.64 -5.07 -14.45
N PHE A 118 18.72 -4.15 -13.50
CA PHE A 118 19.92 -3.38 -13.23
C PHE A 118 20.32 -3.58 -11.78
N ILE A 119 21.61 -3.40 -11.48
CA ILE A 119 22.12 -3.53 -10.12
C ILE A 119 23.02 -2.34 -9.81
N PHE A 120 22.97 -1.90 -8.56
CA PHE A 120 23.69 -0.72 -8.10
C PHE A 120 24.45 -1.10 -6.84
N PRO A 121 25.78 -0.97 -6.82
CA PRO A 121 26.54 -1.22 -5.61
C PRO A 121 26.37 -0.09 -4.62
N PRO A 122 26.79 -0.28 -3.36
CA PRO A 122 26.74 0.84 -2.41
C PRO A 122 27.80 1.88 -2.73
N SER A 123 27.47 3.13 -2.45
CA SER A 123 28.40 4.22 -2.67
C SER A 123 29.46 4.26 -1.57
N ASP A 124 30.60 4.85 -1.89
CA ASP A 124 31.66 5.01 -0.90
C ASP A 124 31.18 5.88 0.26
N GLU A 125 30.34 6.87 -0.02
CA GLU A 125 29.81 7.72 1.04
C GLU A 125 28.99 6.93 2.05
N GLN A 126 28.24 5.93 1.57
CA GLN A 126 27.48 5.10 2.49
C GLN A 126 28.37 4.11 3.22
N LEU A 127 29.38 3.57 2.53
CA LEU A 127 30.32 2.67 3.19
C LEU A 127 31.07 3.38 4.31
N LYS A 128 31.30 4.68 4.17
CA LYS A 128 31.89 5.45 5.26
C LYS A 128 31.01 5.44 6.51
N SER A 129 29.71 5.19 6.36
CA SER A 129 28.80 5.15 7.49
C SER A 129 28.66 3.77 8.11
N GLY A 130 29.24 2.74 7.50
CA GLY A 130 29.22 1.41 8.06
C GLY A 130 28.11 0.50 7.59
N THR A 131 27.34 0.91 6.58
CA THR A 131 26.24 0.13 6.05
C THR A 131 26.33 0.09 4.53
N ALA A 132 26.10 -1.08 3.94
CA ALA A 132 26.14 -1.26 2.50
C ALA A 132 24.75 -1.61 2.00
N SER A 133 24.23 -0.79 1.09
CA SER A 133 22.96 -1.04 0.43
C SER A 133 23.22 -1.40 -1.02
N VAL A 134 22.81 -2.59 -1.43
CA VAL A 134 22.91 -3.04 -2.81
C VAL A 134 21.49 -3.04 -3.38
N VAL A 135 21.29 -2.28 -4.46
CA VAL A 135 19.95 -2.06 -5.00
C VAL A 135 19.81 -2.84 -6.31
N CYS A 136 18.65 -3.48 -6.48
CA CYS A 136 18.32 -4.19 -7.71
C CYS A 136 17.02 -3.63 -8.26
N LEU A 137 17.06 -3.19 -9.52
CA LEU A 137 15.94 -2.55 -10.18
C LEU A 137 15.40 -3.45 -11.28
N LEU A 138 14.12 -3.78 -11.20
CA LEU A 138 13.40 -4.51 -12.23
C LEU A 138 12.48 -3.50 -12.91
N ASN A 139 12.86 -3.06 -14.10
CA ASN A 139 12.21 -1.95 -14.78
C ASN A 139 11.21 -2.47 -15.81
N ASN A 140 9.98 -1.97 -15.72
CA ASN A 140 8.95 -2.15 -16.73
C ASN A 140 8.69 -3.62 -17.06
N PHE A 141 7.97 -4.32 -16.18
CA PHE A 141 7.63 -5.71 -16.41
C PHE A 141 6.14 -5.94 -16.16
N TYR A 142 5.63 -7.01 -16.77
CA TYR A 142 4.26 -7.44 -16.60
C TYR A 142 4.22 -8.94 -16.82
N PRO A 143 3.52 -9.71 -15.98
CA PRO A 143 2.71 -9.25 -14.85
C PRO A 143 3.52 -8.80 -13.63
N ARG A 144 2.82 -8.42 -12.57
CA ARG A 144 3.46 -7.87 -11.38
C ARG A 144 4.32 -8.89 -10.65
N GLU A 145 3.97 -10.18 -10.74
CA GLU A 145 4.65 -11.21 -9.97
C GLU A 145 6.06 -11.41 -10.49
N ALA A 146 7.05 -10.93 -9.73
CA ALA A 146 8.45 -11.10 -10.06
C ALA A 146 9.20 -11.42 -8.78
N LYS A 147 9.90 -12.56 -8.75
CA LYS A 147 10.64 -12.97 -7.57
C LYS A 147 12.07 -12.48 -7.67
N VAL A 148 12.53 -11.79 -6.63
CA VAL A 148 13.89 -11.30 -6.53
C VAL A 148 14.58 -12.05 -5.40
N GLN A 149 15.72 -12.66 -5.70
CA GLN A 149 16.55 -13.31 -4.71
C GLN A 149 17.94 -12.69 -4.74
N TRP A 150 18.60 -12.65 -3.58
CA TRP A 150 19.94 -12.11 -3.46
C TRP A 150 20.92 -13.24 -3.18
N LYS A 151 22.06 -13.20 -3.85
CA LYS A 151 23.10 -14.20 -3.66
C LYS A 151 24.43 -13.50 -3.41
N VAL A 152 24.97 -13.68 -2.21
CA VAL A 152 26.27 -13.15 -1.83
C VAL A 152 27.27 -14.31 -1.88
N ASP A 153 28.23 -14.23 -2.80
CA ASP A 153 29.14 -15.33 -3.09
C ASP A 153 28.39 -16.63 -3.34
N ASN A 154 27.32 -16.54 -4.13
CA ASN A 154 26.45 -17.65 -4.47
C ASN A 154 25.75 -18.26 -3.25
N ALA A 155 25.64 -17.50 -2.17
CA ALA A 155 24.91 -17.92 -0.98
C ALA A 155 23.59 -17.15 -0.93
N LEU A 156 22.49 -17.88 -0.85
CA LEU A 156 21.17 -17.25 -0.85
C LEU A 156 20.95 -16.46 0.42
N GLN A 157 20.45 -15.24 0.28
CA GLN A 157 20.19 -14.36 1.41
C GLN A 157 18.76 -14.55 1.91
N SER A 158 18.56 -14.20 3.19
CA SER A 158 17.25 -14.35 3.82
C SER A 158 17.15 -13.34 4.95
N GLY A 159 16.13 -12.47 4.88
CA GLY A 159 15.84 -11.53 5.93
C GLY A 159 16.43 -10.15 5.75
N ASN A 160 17.51 -10.02 4.97
CA ASN A 160 18.20 -8.75 4.80
C ASN A 160 17.87 -8.07 3.48
N SER A 161 16.64 -8.25 2.99
CA SER A 161 16.22 -7.63 1.74
C SER A 161 14.79 -7.13 1.85
N GLN A 162 14.57 -5.92 1.34
CA GLN A 162 13.23 -5.32 1.31
C GLN A 162 12.94 -4.81 -0.09
N GLU A 163 11.75 -5.11 -0.60
CA GLU A 163 11.38 -4.71 -1.95
C GLU A 163 10.16 -3.80 -1.95
N SER A 164 10.07 -3.00 -3.00
CA SER A 164 8.99 -2.03 -3.17
C SER A 164 8.60 -1.99 -4.64
N VAL A 165 7.28 -1.96 -4.90
CA VAL A 165 6.74 -2.03 -6.24
C VAL A 165 5.97 -0.74 -6.52
N THR A 166 6.06 -0.27 -7.77
CA THR A 166 5.27 0.88 -8.20
C THR A 166 3.88 0.44 -8.62
N GLU A 167 2.97 1.42 -8.68
CA GLU A 167 1.66 1.16 -9.24
C GLU A 167 1.78 0.90 -10.74
N GLN A 168 0.73 0.30 -11.31
CA GLN A 168 0.73 0.02 -12.74
C GLN A 168 0.81 1.32 -13.54
N ASP A 169 1.81 1.39 -14.41
CA ASP A 169 2.04 2.61 -15.17
C ASP A 169 0.83 2.95 -16.05
N SER A 170 0.64 4.25 -16.27
CA SER A 170 -0.54 4.70 -17.02
C SER A 170 -0.35 4.62 -18.52
N LYS A 171 0.89 4.54 -19.01
CA LYS A 171 1.17 4.53 -20.43
C LYS A 171 1.37 3.12 -20.99
N ASP A 172 2.24 2.32 -20.37
CA ASP A 172 2.51 0.97 -20.85
C ASP A 172 1.98 -0.11 -19.91
N SER A 173 1.34 0.27 -18.81
CA SER A 173 0.71 -0.68 -17.87
C SER A 173 1.70 -1.70 -17.33
N THR A 174 2.95 -1.30 -17.13
CA THR A 174 3.97 -2.17 -16.56
C THR A 174 4.23 -1.81 -15.11
N TYR A 175 4.94 -2.70 -14.42
CA TYR A 175 5.35 -2.48 -13.04
C TYR A 175 6.87 -2.37 -12.96
N SER A 176 7.35 -1.77 -11.88
CA SER A 176 8.76 -1.70 -11.57
C SER A 176 8.97 -2.05 -10.11
N LEU A 177 10.09 -2.69 -9.82
CA LEU A 177 10.39 -3.18 -8.49
C LEU A 177 11.81 -2.78 -8.10
N SER A 178 12.00 -2.50 -6.81
CA SER A 178 13.31 -2.15 -6.27
CA SER A 178 13.31 -2.15 -6.27
C SER A 178 13.55 -2.97 -5.02
N SER A 179 14.63 -3.74 -5.01
CA SER A 179 14.99 -4.60 -3.89
C SER A 179 16.31 -4.12 -3.31
N THR A 180 16.27 -3.72 -2.03
CA THR A 180 17.46 -3.28 -1.32
C THR A 180 17.95 -4.40 -0.41
N LEU A 181 19.19 -4.82 -0.60
CA LEU A 181 19.87 -5.76 0.27
C LEU A 181 20.82 -4.97 1.17
N THR A 182 20.60 -5.05 2.48
CA THR A 182 21.36 -4.27 3.45
C THR A 182 22.29 -5.18 4.21
N LEU A 183 23.59 -4.87 4.17
CA LEU A 183 24.59 -5.56 4.96
C LEU A 183 25.37 -4.54 5.77
N SER A 184 26.16 -5.03 6.71
CA SER A 184 27.12 -4.16 7.36
C SER A 184 28.34 -3.98 6.46
N LYS A 185 29.10 -2.91 6.74
CA LYS A 185 30.30 -2.66 5.94
C LYS A 185 31.28 -3.82 6.06
N ALA A 186 31.40 -4.40 7.25
CA ALA A 186 32.29 -5.54 7.44
C ALA A 186 31.80 -6.75 6.66
N ASP A 187 30.51 -7.08 6.79
CA ASP A 187 29.94 -8.17 5.99
C ASP A 187 30.04 -7.89 4.50
N TYR A 188 30.08 -6.61 4.11
CA TYR A 188 30.21 -6.27 2.71
C TYR A 188 31.64 -6.51 2.22
N GLU A 189 32.63 -6.15 3.04
CA GLU A 189 34.03 -6.36 2.68
C GLU A 189 34.44 -7.82 2.78
N LYS A 190 33.72 -8.64 3.56
CA LYS A 190 34.07 -10.04 3.69
C LYS A 190 33.76 -10.85 2.44
N HIS A 191 32.98 -10.31 1.50
CA HIS A 191 32.49 -11.07 0.36
C HIS A 191 32.83 -10.35 -0.94
N LYS A 192 32.70 -11.08 -2.05
CA LYS A 192 33.15 -10.61 -3.35
C LYS A 192 31.99 -10.42 -4.30
N VAL A 193 31.30 -11.48 -4.70
CA VAL A 193 30.28 -11.42 -5.74
C VAL A 193 28.92 -11.15 -5.10
N TYR A 194 28.24 -10.11 -5.61
CA TYR A 194 26.88 -9.79 -5.19
C TYR A 194 25.98 -9.87 -6.42
N ALA A 195 24.99 -10.76 -6.35
CA ALA A 195 24.15 -11.05 -7.51
C ALA A 195 22.68 -10.91 -7.15
N CYS A 196 21.92 -10.35 -8.07
CA CYS A 196 20.46 -10.26 -7.98
C CYS A 196 19.87 -11.20 -9.03
N GLU A 197 19.14 -12.21 -8.57
CA GLU A 197 18.50 -13.18 -9.44
C GLU A 197 17.02 -12.84 -9.56
N VAL A 198 16.53 -12.74 -10.79
CA VAL A 198 15.16 -12.34 -11.09
C VAL A 198 14.47 -13.49 -11.80
N THR A 199 13.32 -13.90 -11.25
CA THR A 199 12.45 -14.89 -11.88
C THR A 199 11.16 -14.18 -12.27
N HIS A 200 10.82 -14.25 -13.55
CA HIS A 200 9.63 -13.59 -14.07
C HIS A 200 9.07 -14.42 -15.22
N GLN A 201 7.76 -14.30 -15.44
CA GLN A 201 7.11 -15.07 -16.49
C GLN A 201 7.64 -14.72 -17.87
N GLY A 202 8.09 -13.48 -18.06
CA GLY A 202 8.65 -13.06 -19.32
C GLY A 202 10.06 -13.54 -19.60
N LEU A 203 10.66 -14.29 -18.67
CA LEU A 203 12.02 -14.78 -18.82
C LEU A 203 11.99 -16.30 -18.89
N SER A 204 12.63 -16.85 -19.94
CA SER A 204 12.72 -18.29 -20.08
C SER A 204 13.55 -18.93 -18.98
N SER A 205 14.36 -18.14 -18.27
CA SER A 205 15.13 -18.61 -17.13
C SER A 205 15.46 -17.41 -16.26
N PRO A 206 15.63 -17.60 -14.95
CA PRO A 206 15.95 -16.46 -14.08
C PRO A 206 17.25 -15.79 -14.49
N VAL A 207 17.20 -14.48 -14.64
CA VAL A 207 18.36 -13.70 -15.08
C VAL A 207 19.09 -13.18 -13.85
N THR A 208 20.42 -13.24 -13.90
CA THR A 208 21.26 -12.86 -12.77
C THR A 208 22.15 -11.68 -13.15
N LYS A 209 22.00 -10.58 -12.43
CA LYS A 209 22.86 -9.41 -12.59
C LYS A 209 23.79 -9.33 -11.38
N SER A 210 25.09 -9.49 -11.63
CA SER A 210 26.07 -9.58 -10.56
C SER A 210 27.15 -8.53 -10.72
N PHE A 211 27.83 -8.23 -9.62
CA PHE A 211 29.02 -7.40 -9.64
C PHE A 211 29.97 -7.86 -8.55
N ASN A 212 31.26 -7.69 -8.83
CA ASN A 212 32.30 -8.05 -7.87
C ASN A 212 32.74 -6.80 -7.12
N ARG A 213 32.72 -6.89 -5.79
CA ARG A 213 33.18 -5.76 -4.97
C ARG A 213 34.65 -5.47 -5.24
N GLY A 214 34.96 -4.18 -5.32
CA GLY A 214 36.31 -3.76 -5.64
C GLY A 214 36.43 -3.24 -7.06
N GLU A 215 35.93 -4.03 -8.01
CA GLU A 215 35.88 -3.59 -9.40
C GLU A 215 34.71 -2.67 -9.68
N CYS A 216 33.69 -2.68 -8.82
CA CYS A 216 32.57 -1.76 -8.92
C CYS A 216 32.60 -0.77 -7.76
N GLN B 1 -26.04 16.29 2.86
CA GLN B 1 -24.98 15.28 2.75
C GLN B 1 -24.18 15.20 4.04
N VAL B 2 -24.20 14.03 4.68
CA VAL B 2 -23.43 13.82 5.90
C VAL B 2 -21.95 13.72 5.55
N GLN B 3 -21.14 14.54 6.22
CA GLN B 3 -19.70 14.57 6.02
C GLN B 3 -18.99 14.13 7.29
N LEU B 4 -17.87 13.43 7.12
CA LEU B 4 -17.06 12.97 8.24
C LEU B 4 -15.68 13.60 8.16
N GLN B 5 -15.19 14.08 9.31
CA GLN B 5 -13.90 14.75 9.40
C GLN B 5 -13.06 14.07 10.46
N GLN B 6 -11.94 13.48 10.05
CA GLN B 6 -11.09 12.73 10.94
C GLN B 6 -9.93 13.58 11.45
N TRP B 7 -9.47 13.27 12.65
CA TRP B 7 -8.21 13.82 13.15
C TRP B 7 -7.72 12.95 14.29
N GLY B 8 -6.52 13.28 14.80
CA GLY B 8 -5.89 12.50 15.84
C GLY B 8 -4.40 12.38 15.62
N ALA B 9 -3.69 11.86 16.61
CA ALA B 9 -2.24 11.75 16.51
C ALA B 9 -1.85 10.73 15.44
N GLY B 10 -0.95 11.14 14.56
CA GLY B 10 -0.43 10.28 13.51
C GLY B 10 0.90 9.61 13.82
N LEU B 11 1.48 9.87 14.99
CA LEU B 11 2.75 9.28 15.38
C LEU B 11 2.63 8.74 16.80
N LEU B 12 3.09 7.51 17.00
CA LEU B 12 3.02 6.85 18.30
C LEU B 12 4.28 6.04 18.53
N LYS B 13 4.66 5.93 19.79
CA LYS B 13 5.69 4.99 20.20
C LYS B 13 5.05 3.65 20.52
N PRO B 14 5.80 2.56 20.43
CA PRO B 14 5.26 1.25 20.82
C PRO B 14 4.67 1.28 22.22
N SER B 15 3.66 0.43 22.44
CA SER B 15 2.95 0.24 23.70
C SER B 15 2.11 1.43 24.11
N GLU B 16 2.13 2.54 23.36
CA GLU B 16 1.32 3.69 23.68
C GLU B 16 -0.13 3.44 23.26
N THR B 17 -0.99 4.43 23.48
CA THR B 17 -2.41 4.32 23.21
C THR B 17 -2.78 5.20 22.02
N LEU B 18 -3.32 4.58 20.97
CA LEU B 18 -3.82 5.33 19.83
C LEU B 18 -5.13 6.01 20.18
N SER B 19 -5.26 7.27 19.78
CA SER B 19 -6.47 8.05 20.04
C SER B 19 -6.84 8.82 18.79
N LEU B 20 -8.01 8.52 18.23
CA LEU B 20 -8.49 9.18 17.02
C LEU B 20 -9.92 9.67 17.24
N THR B 21 -10.27 10.76 16.55
CA THR B 21 -11.58 11.38 16.68
C THR B 21 -12.17 11.63 15.30
N CYS B 22 -13.49 11.50 15.21
CA CYS B 22 -14.21 11.64 13.95
C CYS B 22 -15.45 12.48 14.21
N ALA B 23 -15.53 13.64 13.57
CA ALA B 23 -16.67 14.54 13.70
C ALA B 23 -17.64 14.32 12.55
N VAL B 24 -18.93 14.36 12.87
CA VAL B 24 -19.99 14.16 11.89
C VAL B 24 -20.66 15.51 11.63
N TYR B 25 -20.70 15.92 10.36
CA TYR B 25 -21.34 17.15 9.94
C TYR B 25 -22.41 16.83 8.90
N GLY B 26 -23.37 17.74 8.77
CA GLY B 26 -24.49 17.49 7.91
C GLY B 26 -25.44 16.41 8.38
N GLY B 27 -25.34 16.03 9.65
CA GLY B 27 -26.18 14.97 10.18
C GLY B 27 -25.82 14.73 11.63
N SER B 28 -26.69 14.00 12.31
CA SER B 28 -26.53 13.69 13.72
C SER B 28 -26.07 12.25 13.90
N LEU B 29 -25.42 12.00 15.04
CA LEU B 29 -25.03 10.63 15.40
C LEU B 29 -26.23 9.74 15.66
N SER B 30 -27.39 10.32 15.98
CA SER B 30 -28.57 9.54 16.25
C SER B 30 -29.09 8.88 14.98
N GLY B 31 -29.64 7.69 15.13
CA GLY B 31 -30.23 6.96 14.02
C GLY B 31 -29.29 6.05 13.26
N ASN B 32 -28.02 5.97 13.66
CA ASN B 32 -27.06 5.12 12.96
C ASN B 32 -26.02 4.62 13.96
N PHE B 33 -25.33 3.56 13.57
CA PHE B 33 -24.09 3.17 14.21
C PHE B 33 -22.93 3.80 13.46
N TRP B 34 -21.82 3.99 14.18
CA TRP B 34 -20.64 4.66 13.61
C TRP B 34 -19.42 3.81 13.88
N SER B 35 -18.73 3.41 12.81
CA SER B 35 -17.68 2.41 12.89
C SER B 35 -16.31 3.00 12.59
N TRP B 36 -15.30 2.42 13.22
CA TRP B 36 -13.90 2.61 12.88
C TRP B 36 -13.41 1.35 12.19
N ILE B 37 -12.78 1.52 11.03
CA ILE B 37 -12.16 0.46 10.26
C ILE B 37 -10.72 0.89 9.99
N ARG B 38 -9.83 -0.07 9.75
CA ARG B 38 -8.44 0.25 9.47
C ARG B 38 -7.92 -0.62 8.33
N GLN B 39 -6.81 -0.18 7.75
CA GLN B 39 -6.16 -0.83 6.63
C GLN B 39 -4.66 -0.63 6.70
N PRO B 40 -3.88 -1.69 6.93
CA PRO B 40 -2.42 -1.57 6.90
C PRO B 40 -1.93 -1.26 5.50
N PRO B 41 -0.76 -0.64 5.37
CA PRO B 41 -0.26 -0.26 4.04
C PRO B 41 -0.09 -1.49 3.15
N GLY B 42 -0.70 -1.44 1.97
CA GLY B 42 -0.63 -2.54 1.03
C GLY B 42 -1.42 -3.77 1.41
N LYS B 43 -2.30 -3.67 2.40
CA LYS B 43 -3.09 -4.79 2.87
C LYS B 43 -4.57 -4.43 2.80
N GLY B 44 -5.42 -5.34 3.31
CA GLY B 44 -6.85 -5.19 3.22
C GLY B 44 -7.44 -4.41 4.38
N LEU B 45 -8.78 -4.36 4.40
CA LEU B 45 -9.52 -3.64 5.42
C LEU B 45 -9.82 -4.55 6.60
N GLU B 46 -9.97 -3.92 7.77
CA GLU B 46 -10.28 -4.65 9.00
C GLU B 46 -11.17 -3.79 9.87
N TRP B 47 -12.39 -4.24 10.10
CA TRP B 47 -13.32 -3.52 10.97
C TRP B 47 -12.81 -3.53 12.41
N ILE B 48 -12.66 -2.34 12.99
CA ILE B 48 -12.18 -2.22 14.37
C ILE B 48 -13.38 -2.27 15.32
N GLY B 49 -14.26 -1.28 15.21
CA GLY B 49 -15.36 -1.21 16.16
C GLY B 49 -16.50 -0.35 15.67
N GLU B 50 -17.52 -0.24 16.51
CA GLU B 50 -18.69 0.57 16.22
C GLU B 50 -19.32 1.03 17.53
N ILE B 51 -19.91 2.23 17.48
CA ILE B 51 -20.60 2.81 18.63
C ILE B 51 -21.74 3.66 18.11
N ASN B 52 -22.86 3.64 18.82
CA ASN B 52 -24.05 4.40 18.45
C ASN B 52 -24.18 5.64 19.33
N HIS B 53 -25.25 6.40 19.11
CA HIS B 53 -25.48 7.62 19.86
C HIS B 53 -25.79 7.35 21.33
N SER B 54 -26.28 6.15 21.66
CA SER B 54 -26.61 5.83 23.04
C SER B 54 -25.41 5.41 23.86
N GLY B 55 -24.29 5.08 23.22
CA GLY B 55 -23.09 4.66 23.91
C GLY B 55 -22.79 3.19 23.81
N GLU B 56 -23.70 2.39 23.24
CA GLU B 56 -23.45 0.97 23.06
C GLU B 56 -22.30 0.75 22.08
N THR B 57 -21.36 -0.10 22.46
CA THR B 57 -20.19 -0.37 21.64
C THR B 57 -20.12 -1.85 21.27
N ASN B 58 -19.51 -2.10 20.12
CA ASN B 58 -19.11 -3.44 19.71
C ASN B 58 -17.75 -3.35 19.05
N HIS B 59 -16.96 -4.42 19.14
CA HIS B 59 -15.60 -4.40 18.62
C HIS B 59 -15.25 -5.76 18.04
N ASN B 60 -14.21 -5.75 17.21
CA ASN B 60 -13.69 -6.97 16.60
C ASN B 60 -13.19 -7.90 17.70
N PRO B 61 -13.70 -9.12 17.80
CA PRO B 61 -13.20 -10.04 18.84
C PRO B 61 -11.74 -10.40 18.70
N SER B 62 -11.14 -10.20 17.51
CA SER B 62 -9.73 -10.50 17.34
C SER B 62 -8.82 -9.48 18.00
N LEU B 63 -9.35 -8.31 18.35
CA LEU B 63 -8.55 -7.26 19.00
C LEU B 63 -8.59 -7.33 20.52
N LYS B 64 -9.46 -8.17 21.09
CA LYS B 64 -9.47 -8.50 22.53
C LYS B 64 -9.78 -7.22 23.31
N ARG B 65 -9.03 -6.91 24.37
CA ARG B 65 -9.37 -5.82 25.28
C ARG B 65 -8.50 -4.60 25.00
N ARG B 66 -8.59 -4.09 23.78
CA ARG B 66 -7.87 -2.90 23.35
C ARG B 66 -8.79 -1.78 22.90
N VAL B 67 -9.88 -2.11 22.22
CA VAL B 67 -10.75 -1.09 21.65
C VAL B 67 -11.54 -0.40 22.74
N THR B 68 -11.52 0.93 22.74
CA THR B 68 -12.32 1.74 23.66
C THR B 68 -12.99 2.83 22.84
N LEU B 69 -14.30 2.72 22.65
CA LEU B 69 -15.05 3.65 21.83
C LEU B 69 -15.83 4.62 22.71
N SER B 70 -15.87 5.87 22.28
CA SER B 70 -16.57 6.93 23.01
C SER B 70 -17.36 7.78 22.04
N VAL B 71 -18.38 8.46 22.57
CA VAL B 71 -19.28 9.28 21.78
C VAL B 71 -19.51 10.60 22.50
N ASP B 72 -19.44 11.69 21.75
CA ASP B 72 -19.73 13.05 22.24
C ASP B 72 -20.92 13.54 21.42
N THR B 73 -22.13 13.37 21.95
CA THR B 73 -23.33 13.77 21.23
C THR B 73 -23.43 15.30 21.14
N SER B 74 -22.95 16.02 22.16
CA SER B 74 -22.98 17.47 22.12
C SER B 74 -22.14 18.03 20.98
N LYS B 75 -21.07 17.32 20.61
CA LYS B 75 -20.22 17.72 19.50
C LYS B 75 -20.47 16.90 18.24
N ASN B 76 -21.36 15.90 18.30
CA ASN B 76 -21.61 14.99 17.19
C ASN B 76 -20.32 14.34 16.70
N GLN B 77 -19.55 13.80 17.64
CA GLN B 77 -18.27 13.18 17.36
C GLN B 77 -18.21 11.81 18.00
N PHE B 78 -17.30 10.97 17.51
CA PHE B 78 -17.02 9.69 18.13
C PHE B 78 -15.54 9.39 18.01
N SER B 79 -15.00 8.75 19.05
CA SER B 79 -13.56 8.58 19.21
C SER B 79 -13.23 7.12 19.46
N LEU B 80 -12.03 6.73 19.00
CA LEU B 80 -11.51 5.39 19.14
C LEU B 80 -10.17 5.42 19.86
N LYS B 81 -10.00 4.54 20.84
CA LYS B 81 -8.74 4.35 21.54
C LYS B 81 -8.30 2.90 21.39
N LEU B 82 -7.01 2.73 21.10
CA LEU B 82 -6.40 1.42 20.88
C LEU B 82 -5.12 1.37 21.72
N SER B 83 -5.23 0.87 22.94
CA SER B 83 -4.10 0.85 23.86
C SER B 83 -3.13 -0.27 23.49
N SER B 84 -1.94 -0.21 24.10
CA SER B 84 -0.87 -1.18 23.88
C SER B 84 -0.58 -1.34 22.39
N VAL B 85 -0.36 -0.20 21.73
CA VAL B 85 -0.15 -0.20 20.29
C VAL B 85 1.15 -0.91 19.95
N THR B 86 1.21 -1.44 18.73
CA THR B 86 2.36 -2.20 18.26
C THR B 86 2.62 -1.88 16.80
N ALA B 87 3.66 -2.49 16.24
CA ALA B 87 4.00 -2.24 14.84
C ALA B 87 2.93 -2.74 13.89
N ALA B 88 2.16 -3.75 14.31
CA ALA B 88 1.07 -4.27 13.49
C ALA B 88 -0.13 -3.33 13.44
N ASP B 89 -0.09 -2.20 14.13
CA ASP B 89 -1.18 -1.23 14.13
C ASP B 89 -0.92 -0.03 13.24
N THR B 90 0.27 0.08 12.66
CA THR B 90 0.55 1.13 11.67
C THR B 90 -0.37 0.95 10.47
N ALA B 91 -1.32 1.86 10.28
CA ALA B 91 -2.34 1.67 9.26
C ALA B 91 -3.06 3.00 9.02
N VAL B 92 -3.83 3.03 7.94
CA VAL B 92 -4.76 4.12 7.70
C VAL B 92 -6.08 3.77 8.37
N TYR B 93 -6.56 4.64 9.23
CA TYR B 93 -7.78 4.42 10.00
C TYR B 93 -8.88 5.32 9.45
N TYR B 94 -9.94 4.70 8.95
CA TYR B 94 -11.12 5.41 8.47
C TYR B 94 -12.24 5.30 9.49
N CYS B 95 -13.08 6.33 9.54
CA CYS B 95 -14.36 6.28 10.22
C CYS B 95 -15.47 6.35 9.20
N ALA B 96 -16.56 5.65 9.47
CA ALA B 96 -17.66 5.58 8.53
C ALA B 96 -18.97 5.45 9.30
N ARG B 97 -20.07 5.75 8.60
CA ARG B 97 -21.39 5.57 9.17
C ARG B 97 -21.81 4.12 8.99
N GLY B 98 -22.11 3.43 10.08
CA GLY B 98 -22.53 2.05 10.02
C GLY B 98 -23.99 1.89 9.66
N GLY B 99 -24.67 0.96 10.31
CA GLY B 99 -26.05 0.66 10.01
C GLY B 99 -27.03 1.61 10.69
N PRO B 100 -28.12 1.92 10.00
CA PRO B 100 -29.14 2.78 10.59
C PRO B 100 -30.08 2.02 11.51
N LYS B 101 -30.78 2.78 12.35
CA LYS B 101 -31.80 2.22 13.24
C LYS B 101 -33.16 2.31 12.55
N VAL B 102 -33.80 1.17 12.34
CA VAL B 102 -35.09 1.12 11.67
C VAL B 102 -36.17 0.76 12.69
N TYR B 103 -37.38 1.21 12.40
CA TYR B 103 -38.53 1.02 13.30
C TYR B 103 -39.59 0.23 12.54
N TYR B 104 -39.76 -1.03 12.90
CA TYR B 104 -40.73 -1.91 12.27
C TYR B 104 -41.86 -2.22 13.24
N GLU B 105 -42.79 -3.06 12.79
CA GLU B 105 -44.02 -3.30 13.54
C GLU B 105 -43.73 -4.00 14.86
N TYR B 106 -43.00 -5.12 14.81
CA TYR B 106 -42.74 -5.91 16.00
C TYR B 106 -41.29 -5.89 16.45
N TRP B 107 -40.40 -5.25 15.69
CA TRP B 107 -38.99 -5.20 16.03
C TRP B 107 -38.42 -3.84 15.66
N SER B 108 -37.48 -3.37 16.48
CA SER B 108 -36.80 -2.11 16.24
C SER B 108 -35.34 -2.26 16.66
N GLY B 109 -34.44 -1.76 15.81
CA GLY B 109 -33.02 -1.86 16.10
C GLY B 109 -32.22 -1.45 14.89
N TYR B 110 -30.95 -1.85 14.88
CA TYR B 110 -30.00 -1.47 13.85
C TYR B 110 -29.83 -2.60 12.85
N VAL B 111 -29.90 -2.27 11.57
CA VAL B 111 -29.71 -3.21 10.46
C VAL B 111 -28.77 -2.58 9.45
N ASN B 112 -28.46 -3.35 8.39
CA ASN B 112 -27.67 -2.86 7.26
C ASN B 112 -26.36 -2.22 7.71
N ASN B 113 -25.58 -2.98 8.48
CA ASN B 113 -24.33 -2.47 9.05
C ASN B 113 -23.22 -2.42 7.99
N CYS B 114 -23.50 -1.69 6.92
CA CYS B 114 -22.49 -1.35 5.94
C CYS B 114 -21.99 0.08 6.19
N PHE B 115 -20.97 0.47 5.43
CA PHE B 115 -20.20 1.67 5.74
C PHE B 115 -20.31 2.67 4.60
N ASP B 116 -21.05 3.76 4.85
CA ASP B 116 -21.22 4.87 3.92
C ASP B 116 -21.92 6.03 4.63
N PRO B 117 -21.37 7.25 4.55
CA PRO B 117 -20.12 7.56 3.84
C PRO B 117 -18.87 7.24 4.65
N TRP B 118 -17.71 7.37 4.02
CA TRP B 118 -16.43 7.14 4.66
C TRP B 118 -15.74 8.46 4.96
N GLY B 119 -14.84 8.42 5.96
CA GLY B 119 -13.98 9.55 6.22
C GLY B 119 -12.79 9.55 5.28
N GLN B 120 -11.94 10.56 5.46
CA GLN B 120 -10.75 10.68 4.61
C GLN B 120 -9.67 9.68 5.00
N GLY B 121 -9.55 9.37 6.29
CA GLY B 121 -8.55 8.42 6.74
C GLY B 121 -7.32 9.07 7.32
N THR B 122 -6.91 8.64 8.51
CA THR B 122 -5.72 9.16 9.18
C THR B 122 -4.67 8.06 9.24
N LEU B 123 -3.47 8.35 8.73
CA LEU B 123 -2.38 7.39 8.73
C LEU B 123 -1.68 7.46 10.09
N VAL B 124 -1.77 6.39 10.87
CA VAL B 124 -1.10 6.30 12.16
C VAL B 124 0.05 5.32 12.01
N THR B 125 1.27 5.80 12.26
CA THR B 125 2.48 5.00 12.19
C THR B 125 3.03 4.77 13.58
N VAL B 126 3.35 3.52 13.89
CA VAL B 126 3.91 3.14 15.18
C VAL B 126 5.39 2.88 15.00
N SER B 127 6.22 3.66 15.69
CA SER B 127 7.66 3.54 15.57
C SER B 127 8.32 4.22 16.75
N SER B 128 9.43 3.65 17.22
CA SER B 128 10.22 4.23 18.29
C SER B 128 11.13 5.36 17.81
N ALA B 129 11.17 5.62 16.50
CA ALA B 129 12.05 6.63 15.96
C ALA B 129 11.45 8.03 16.14
N SER B 130 12.33 9.01 16.17
CA SER B 130 11.96 10.43 16.19
C SER B 130 12.22 11.03 14.81
N THR B 131 12.13 12.35 14.73
CA THR B 131 12.38 13.03 13.46
C THR B 131 13.85 12.93 13.10
N LYS B 132 14.14 12.48 11.87
CA LYS B 132 15.50 12.31 11.40
C LYS B 132 15.56 12.60 9.92
N GLY B 133 16.58 13.34 9.50
CA GLY B 133 16.77 13.68 8.11
C GLY B 133 17.36 12.52 7.32
N PRO B 134 17.06 12.48 6.02
CA PRO B 134 17.55 11.38 5.19
C PRO B 134 18.99 11.58 4.74
N SER B 135 19.59 10.46 4.34
CA SER B 135 20.88 10.47 3.66
C SER B 135 20.67 10.02 2.22
N VAL B 136 21.12 10.83 1.27
CA VAL B 136 20.92 10.57 -0.15
C VAL B 136 22.20 9.97 -0.70
N PHE B 137 22.11 8.74 -1.21
CA PHE B 137 23.27 8.08 -1.80
C PHE B 137 23.05 7.85 -3.29
N PRO B 138 24.09 8.05 -4.11
CA PRO B 138 23.91 7.91 -5.56
C PRO B 138 23.94 6.45 -6.00
N LEU B 139 22.83 5.99 -6.57
CA LEU B 139 22.81 4.73 -7.32
C LEU B 139 23.37 5.04 -8.70
N ALA B 140 24.67 4.81 -8.87
CA ALA B 140 25.41 5.28 -10.02
C ALA B 140 25.23 4.35 -11.22
N PRO B 141 25.18 4.90 -12.43
CA PRO B 141 25.12 4.05 -13.62
C PRO B 141 26.49 3.52 -14.00
N SER B 142 26.50 2.27 -14.47
CA SER B 142 27.74 1.61 -14.86
C SER B 142 27.42 0.59 -15.94
N SER B 143 28.38 -0.31 -16.21
CA SER B 143 28.14 -1.38 -17.15
C SER B 143 27.15 -2.41 -16.61
N LYS B 144 26.98 -2.49 -15.30
CA LYS B 144 26.02 -3.41 -14.71
C LYS B 144 24.59 -2.86 -14.75
N SER B 145 24.43 -1.56 -14.91
CA SER B 145 23.12 -0.91 -14.95
C SER B 145 22.84 -0.32 -16.33
N THR B 146 23.20 -1.04 -17.39
CA THR B 146 22.94 -0.60 -18.75
CA THR B 146 22.98 -0.60 -18.75
C THR B 146 22.52 -1.79 -19.58
N SER B 147 21.60 -1.54 -20.52
CA SER B 147 21.07 -2.59 -21.40
C SER B 147 20.94 -1.98 -22.80
N GLY B 148 21.94 -2.23 -23.64
CA GLY B 148 21.95 -1.66 -24.97
C GLY B 148 22.15 -0.16 -24.95
N GLY B 149 21.18 0.59 -25.47
CA GLY B 149 21.24 2.03 -25.45
C GLY B 149 20.42 2.62 -24.32
N THR B 150 20.12 1.80 -23.31
CA THR B 150 19.30 2.20 -22.18
C THR B 150 20.08 1.92 -20.90
N ALA B 151 20.33 2.98 -20.12
CA ALA B 151 20.97 2.86 -18.82
C ALA B 151 20.01 3.34 -17.73
N ALA B 152 20.34 3.02 -16.49
CA ALA B 152 19.52 3.39 -15.35
C ALA B 152 20.41 3.96 -14.24
N LEU B 153 19.90 4.98 -13.56
CA LEU B 153 20.61 5.55 -12.41
C LEU B 153 19.57 5.98 -11.39
N GLY B 154 20.03 6.61 -10.32
CA GLY B 154 19.06 7.18 -9.39
C GLY B 154 19.68 7.51 -8.04
N CYS B 155 18.81 7.63 -7.05
CA CYS B 155 19.19 7.99 -5.69
C CYS B 155 18.49 7.09 -4.69
N LEU B 156 19.16 6.88 -3.55
CA LEU B 156 18.65 6.09 -2.44
C LEU B 156 18.47 7.03 -1.26
N VAL B 157 17.22 7.24 -0.85
CA VAL B 157 16.88 8.07 0.29
C VAL B 157 16.80 7.15 1.50
N LYS B 158 17.87 7.11 2.29
CA LYS B 158 18.07 6.12 3.34
C LYS B 158 17.95 6.75 4.72
N ASP B 159 17.27 6.05 5.63
CA ASP B 159 17.19 6.41 7.04
C ASP B 159 16.59 7.79 7.25
N TYR B 160 15.26 7.90 7.15
CA TYR B 160 14.57 9.13 7.48
C TYR B 160 13.27 8.79 8.19
N PHE B 161 12.77 9.77 8.94
CA PHE B 161 11.53 9.60 9.70
C PHE B 161 11.01 10.98 10.08
N PRO B 162 9.70 11.24 9.98
CA PRO B 162 8.72 10.31 9.43
C PRO B 162 8.46 10.50 7.95
N GLU B 163 7.44 9.83 7.43
CA GLU B 163 7.00 10.04 6.06
C GLU B 163 6.39 11.44 5.91
N PRO B 164 6.41 12.00 4.69
CA PRO B 164 7.07 11.48 3.50
C PRO B 164 8.24 12.35 3.04
N VAL B 165 8.87 11.95 1.94
CA VAL B 165 9.87 12.78 1.26
C VAL B 165 9.48 12.91 -0.19
N THR B 166 9.84 14.02 -0.80
CA THR B 166 9.59 14.27 -2.21
C THR B 166 10.90 14.22 -2.99
N VAL B 167 10.88 13.58 -4.15
CA VAL B 167 12.06 13.43 -4.99
C VAL B 167 11.73 13.99 -6.37
N SER B 168 12.52 14.96 -6.82
CA SER B 168 12.44 15.47 -8.18
C SER B 168 13.77 15.21 -8.88
N TRP B 169 13.77 15.36 -10.20
CA TRP B 169 14.96 15.11 -11.01
C TRP B 169 15.22 16.31 -11.89
N ASN B 170 16.43 16.88 -11.77
CA ASN B 170 16.82 18.10 -12.49
C ASN B 170 15.81 19.22 -12.22
N SER B 171 15.38 19.33 -10.97
CA SER B 171 14.42 20.35 -10.52
C SER B 171 13.12 20.26 -11.31
N GLY B 172 12.61 19.04 -11.44
CA GLY B 172 11.35 18.80 -12.13
C GLY B 172 11.44 18.72 -13.64
N ALA B 173 12.58 19.07 -14.23
CA ALA B 173 12.70 19.03 -15.68
C ALA B 173 12.78 17.61 -16.21
N LEU B 174 13.21 16.65 -15.41
CA LEU B 174 13.31 15.25 -15.81
C LEU B 174 12.17 14.48 -15.16
N THR B 175 11.16 14.13 -15.97
CA THR B 175 10.01 13.38 -15.49
C THR B 175 9.81 12.05 -16.21
N SER B 176 10.21 11.95 -17.48
CA SER B 176 10.02 10.73 -18.24
C SER B 176 11.05 9.67 -17.82
N GLY B 177 10.58 8.43 -17.70
CA GLY B 177 11.42 7.33 -17.28
C GLY B 177 11.69 7.26 -15.79
N VAL B 178 11.10 8.16 -15.00
CA VAL B 178 11.35 8.20 -13.57
C VAL B 178 10.42 7.22 -12.87
N HIS B 179 10.97 6.48 -11.90
CA HIS B 179 10.20 5.61 -11.03
C HIS B 179 10.62 5.90 -9.59
N THR B 180 9.74 6.58 -8.84
CA THR B 180 9.95 6.81 -7.42
C THR B 180 9.16 5.77 -6.65
N PHE B 181 9.86 4.91 -5.95
CA PHE B 181 9.22 3.76 -5.33
C PHE B 181 8.65 4.10 -3.96
N PRO B 182 7.57 3.43 -3.57
CA PRO B 182 7.06 3.59 -2.21
C PRO B 182 8.11 3.22 -1.17
N ALA B 183 8.14 4.00 -0.10
CA ALA B 183 9.13 3.76 0.95
C ALA B 183 8.82 2.50 1.73
N VAL B 184 9.87 1.89 2.28
CA VAL B 184 9.74 0.71 3.12
C VAL B 184 10.17 1.07 4.54
N LEU B 185 9.52 0.43 5.51
CA LEU B 185 9.84 0.65 6.92
C LEU B 185 10.92 -0.35 7.31
N GLN B 186 12.15 0.13 7.47
CA GLN B 186 13.27 -0.74 7.79
C GLN B 186 13.15 -1.26 9.22
N SER B 187 13.92 -2.32 9.51
CA SER B 187 13.91 -2.92 10.83
C SER B 187 14.44 -1.95 11.89
N SER B 188 15.11 -0.89 11.49
CA SER B 188 15.59 0.14 12.41
C SER B 188 14.50 1.14 12.79
N GLY B 189 13.31 1.04 12.20
CA GLY B 189 12.25 1.99 12.42
C GLY B 189 12.31 3.22 11.53
N LEU B 190 13.30 3.33 10.66
CA LEU B 190 13.46 4.47 9.77
C LEU B 190 13.00 4.10 8.36
N TYR B 191 12.46 5.09 7.66
CA TYR B 191 11.99 4.86 6.31
C TYR B 191 13.12 4.98 5.30
N SER B 192 12.90 4.41 4.12
CA SER B 192 13.90 4.40 3.07
C SER B 192 13.19 4.11 1.74
N LEU B 193 13.56 4.85 0.70
CA LEU B 193 13.03 4.60 -0.63
C LEU B 193 14.13 4.76 -1.66
N SER B 194 13.79 4.47 -2.91
CA SER B 194 14.72 4.58 -4.02
C SER B 194 14.00 5.22 -5.20
N SER B 195 14.61 6.24 -5.79
CA SER B 195 14.06 6.91 -6.96
C SER B 195 15.03 6.69 -8.11
N VAL B 196 14.60 5.90 -9.10
CA VAL B 196 15.44 5.57 -10.24
C VAL B 196 14.92 6.30 -11.47
N VAL B 197 15.75 6.34 -12.50
CA VAL B 197 15.41 6.97 -13.77
C VAL B 197 16.15 6.25 -14.88
N THR B 198 15.45 6.01 -15.99
CA THR B 198 15.97 5.36 -17.17
C THR B 198 16.31 6.40 -18.23
N VAL B 199 17.54 6.37 -18.72
CA VAL B 199 18.04 7.38 -19.67
C VAL B 199 18.72 6.66 -20.83
N PRO B 200 19.03 7.35 -21.92
CA PRO B 200 19.83 6.73 -22.97
C PRO B 200 21.30 6.63 -22.58
N SER B 201 22.00 5.69 -23.21
CA SER B 201 23.42 5.50 -22.94
C SER B 201 24.24 6.68 -23.47
N SER B 202 23.94 7.13 -24.69
CA SER B 202 24.70 8.22 -25.31
C SER B 202 24.69 9.49 -24.48
N SER B 203 23.67 9.67 -23.63
CA SER B 203 23.62 10.86 -22.78
C SER B 203 24.71 10.82 -21.70
N LEU B 204 25.05 9.63 -21.20
CA LEU B 204 26.04 9.50 -20.14
C LEU B 204 27.42 9.97 -20.60
N GLN B 207 25.75 14.30 -19.72
CA GLN B 207 24.45 14.73 -19.22
C GLN B 207 24.42 14.71 -17.69
N THR B 208 24.06 15.86 -17.11
CA THR B 208 24.02 16.01 -15.66
C THR B 208 22.68 15.52 -15.12
N TYR B 209 22.73 14.69 -14.08
CA TYR B 209 21.53 14.20 -13.40
C TYR B 209 21.65 14.52 -11.93
N ILE B 210 20.67 15.25 -11.40
CA ILE B 210 20.66 15.68 -10.01
C ILE B 210 19.31 15.34 -9.41
N CYS B 211 19.31 14.54 -8.34
CA CYS B 211 18.09 14.24 -7.60
C CYS B 211 17.94 15.24 -6.47
N ASN B 212 16.74 15.81 -6.36
CA ASN B 212 16.42 16.78 -5.32
C ASN B 212 15.47 16.11 -4.34
N VAL B 213 15.97 15.85 -3.13
CA VAL B 213 15.21 15.19 -2.08
C VAL B 213 14.82 16.23 -1.04
N ASN B 214 13.54 16.30 -0.71
CA ASN B 214 13.01 17.23 0.27
C ASN B 214 12.29 16.47 1.37
N HIS B 215 12.70 16.70 2.61
CA HIS B 215 12.06 16.12 3.80
C HIS B 215 11.56 17.27 4.65
N LYS B 216 10.23 17.49 4.65
CA LYS B 216 9.66 18.62 5.38
C LYS B 216 9.76 18.46 6.89
N PRO B 217 9.42 17.30 7.49
CA PRO B 217 9.51 17.21 8.96
C PRO B 217 10.89 17.55 9.52
N SER B 218 11.96 17.33 8.75
CA SER B 218 13.28 17.77 9.13
C SER B 218 13.74 19.01 8.36
N ASN B 219 12.97 19.45 7.36
CA ASN B 219 13.35 20.54 6.48
C ASN B 219 14.76 20.34 5.92
N THR B 220 15.03 19.12 5.48
CA THR B 220 16.32 18.74 4.92
C THR B 220 16.17 18.58 3.42
N LYS B 221 16.91 19.39 2.65
CA LYS B 221 16.90 19.33 1.21
C LYS B 221 18.31 18.98 0.71
N VAL B 222 18.39 17.94 -0.12
CA VAL B 222 19.67 17.45 -0.63
C VAL B 222 19.59 17.39 -2.16
N ASP B 223 20.51 18.06 -2.82
CA ASP B 223 20.64 18.02 -4.28
C ASP B 223 21.88 17.17 -4.59
N LYS B 224 21.66 15.90 -4.91
CA LYS B 224 22.74 14.94 -5.10
C LYS B 224 22.92 14.69 -6.59
N ARG B 225 24.13 14.92 -7.09
CA ARG B 225 24.45 14.65 -8.48
C ARG B 225 24.90 13.20 -8.62
N VAL B 226 24.34 12.50 -9.60
CA VAL B 226 24.61 11.09 -9.83
C VAL B 226 25.49 11.00 -11.08
N GLU B 227 26.78 10.76 -10.88
CA GLU B 227 27.73 10.59 -11.98
C GLU B 227 28.12 9.12 -12.11
N PRO B 228 28.38 8.65 -13.33
CA PRO B 228 28.66 7.22 -13.52
C PRO B 228 29.92 6.78 -12.81
N LYS B 229 29.85 5.59 -12.22
CA LYS B 229 30.98 4.94 -11.59
C LYS B 229 31.58 3.91 -12.56
N SER B 230 32.41 3.01 -12.04
CA SER B 230 33.08 2.01 -12.85
C SER B 230 32.68 0.61 -12.40
N CYS B 231 32.85 -0.34 -13.31
CA CYS B 231 32.55 -1.74 -13.03
C CYS B 231 33.36 -2.66 -13.95
#